data_7LD9
#
_entry.id   7LD9
#
_cell.length_a   105.319
_cell.length_b   125.570
_cell.length_c   104.388
_cell.angle_alpha   90.00
_cell.angle_beta   90.00
_cell.angle_gamma   90.00
#
_symmetry.space_group_name_H-M   'C 2 2 21'
#
loop_
_entity.id
_entity.type
_entity.pdbx_description
1 polymer 'Glutathione hydrolase 1 heavy chain'
2 polymer 'Glutathione hydrolase 1 light chain'
3 non-polymer 2-acetamido-2-deoxy-beta-D-glucopyranose
4 non-polymer 'CHLORIDE ION'
5 non-polymer 'SODIUM ION'
6 non-polymer '4-(2-HYDROXYETHYL)-1-PIPERAZINE ETHANESULFONIC ACID'
7 non-polymer '(2R)-2-amino-4-boronobutanoic acid'
8 non-polymer '(2S)-2-amino-4-boronobutanoic acid'
9 water water
#
loop_
_entity_poly.entity_id
_entity_poly.type
_entity_poly.pdbx_seq_one_letter_code
_entity_poly.pdbx_strand_id
1 'polypeptide(L)'
;SASKEPDNHVYTRAAVAADAKQCSKIGRDALRDGGSAVDAAIAALLCVGLMNAHSMGIGGGLFLTIYNSTTRKAEVINAR
EVAPRLAFATMFNSSEQSQKGGLSVAVPGEIRGYELAHQRHGRLPWARLFQPSIQLARQGFPVGKGLAAALENKRTVIEQ
QPVLCEVFCRDRKVLREGERLTLPQLADTYETLAIEGAQAFYNGSLTAQIVKDIQAAGGIVTAEDLNNYRAELIEHPLNI
SLGDAVLYMPSAPLSGPVLALILNILKGYNFSRESVESPEQKGLTYHRIVEAFRFAYAKRTLLGDPKFVDVTEVVRNMTS
EFFAAQLRAQISDDTTHPISYYKPEFYTPDDGG
;
A
2 'polypeptide(L)'
;TAHLSVVAEDGSAVSATSTINLYFGSKVRSPVSGILFNNEMDDFSSPSITNEFGVPPSPANFIQPGKQPLSSMCPTIMVG
QDGQVRMVVGAAGGTQITTATALAIIYNLWFGYDVKRAVEEPRLHNQLLPNVTTVERNIDQAVTAALETRHHHTQIASTF
IAVVQAIVRTAGGWAAASDSRKGGEPAGY
;
B
#
loop_
_chem_comp.id
_chem_comp.type
_chem_comp.name
_chem_comp.formula
CL non-polymer 'CHLORIDE ION' 'Cl -1'
EPE non-polymer '4-(2-HYDROXYETHYL)-1-PIPERAZINE ETHANESULFONIC ACID' 'C8 H18 N2 O4 S'
NA non-polymer 'SODIUM ION' 'Na 1'
NAG D-saccharide, beta linking 2-acetamido-2-deoxy-beta-D-glucopyranose 'C8 H15 N O6'
XU7 non-polymer '(2S)-2-amino-4-boronobutanoic acid' 'C4 H10 B N O4'
XUJ non-polymer '(2R)-2-amino-4-boronobutanoic acid' 'C4 H10 B N O4'
#
# COMPACT_ATOMS: atom_id res chain seq x y z
N PRO A 6 -18.29 18.40 7.12
CA PRO A 6 -18.45 16.94 7.04
C PRO A 6 -18.50 16.42 5.60
N ASP A 7 -17.99 15.21 5.38
CA ASP A 7 -17.97 14.64 4.03
C ASP A 7 -18.15 13.12 4.05
N ASN A 8 -19.32 12.68 4.54
CA ASN A 8 -19.65 11.25 4.67
C ASN A 8 -20.34 10.73 3.40
N HIS A 9 -20.31 9.39 3.17
CA HIS A 9 -20.80 8.64 1.93
C HIS A 9 -21.24 7.21 2.32
N VAL A 10 -22.55 6.99 2.39
CA VAL A 10 -23.10 5.71 2.84
C VAL A 10 -24.00 5.12 1.75
N TYR A 11 -23.79 3.85 1.48
CA TYR A 11 -24.40 3.17 0.34
C TYR A 11 -25.14 1.93 0.79
N THR A 12 -26.37 1.79 0.31
N THR A 12 -26.34 1.77 0.27
CA THR A 12 -27.22 0.68 0.73
CA THR A 12 -27.19 0.70 0.75
C THR A 12 -26.76 -0.67 0.22
C THR A 12 -26.74 -0.66 0.23
N ARG A 13 -26.10 -0.69 -0.94
CA ARG A 13 -25.78 -1.94 -1.62
C ARG A 13 -24.28 -2.23 -1.78
N ALA A 14 -23.49 -1.27 -2.23
CA ALA A 14 -22.10 -1.57 -2.57
C ALA A 14 -21.29 -0.30 -2.57
N ALA A 15 -19.96 -0.43 -2.47
CA ALA A 15 -19.10 0.74 -2.34
C ALA A 15 -17.69 0.47 -2.82
N VAL A 16 -17.08 1.51 -3.35
CA VAL A 16 -15.67 1.51 -3.79
C VAL A 16 -15.03 2.76 -3.22
N ALA A 17 -13.95 2.58 -2.46
CA ALA A 17 -13.20 3.70 -1.93
C ALA A 17 -11.80 3.66 -2.55
N ALA A 18 -11.63 4.42 -3.61
CA ALA A 18 -10.34 4.61 -4.27
C ALA A 18 -9.81 6.03 -3.99
N ASP A 19 -8.56 6.28 -4.38
CA ASP A 19 -7.92 7.55 -4.11
C ASP A 19 -8.11 8.60 -5.19
N ALA A 20 -9.03 8.36 -6.12
CA ALA A 20 -9.45 9.33 -7.12
C ALA A 20 -10.92 9.04 -7.39
N LYS A 21 -11.74 10.08 -7.40
CA LYS A 21 -13.18 9.92 -7.59
C LYS A 21 -13.52 9.18 -8.89
N GLN A 22 -12.84 9.51 -9.98
CA GLN A 22 -13.19 8.88 -11.24
C GLN A 22 -12.93 7.36 -11.19
N CYS A 23 -11.87 6.95 -10.47
CA CYS A 23 -11.58 5.53 -10.38
CA CYS A 23 -11.54 5.52 -10.31
C CYS A 23 -12.57 4.82 -9.45
N SER A 24 -12.99 5.50 -8.37
CA SER A 24 -14.07 4.93 -7.56
C SER A 24 -15.33 4.70 -8.39
N LYS A 25 -15.66 5.68 -9.23
CA LYS A 25 -16.84 5.59 -10.11
C LYS A 25 -16.71 4.44 -11.11
N ILE A 26 -15.52 4.29 -11.71
CA ILE A 26 -15.27 3.17 -12.59
C ILE A 26 -15.46 1.82 -11.87
N GLY A 27 -14.94 1.69 -10.66
CA GLY A 27 -15.17 0.48 -9.89
C GLY A 27 -16.66 0.25 -9.62
N ARG A 28 -17.34 1.31 -9.23
CA ARG A 28 -18.76 1.24 -8.95
C ARG A 28 -19.57 0.80 -10.17
N ASP A 29 -19.21 1.34 -11.34
CA ASP A 29 -19.91 1.01 -12.56
C ASP A 29 -19.70 -0.47 -12.91
N ALA A 30 -18.51 -0.99 -12.64
CA ALA A 30 -18.26 -2.41 -12.84
C ALA A 30 -19.19 -3.25 -11.96
N LEU A 31 -19.36 -2.84 -10.68
CA LEU A 31 -20.29 -3.54 -9.79
C LEU A 31 -21.72 -3.48 -10.31
N ARG A 32 -22.13 -2.30 -10.74
N ARG A 32 -22.13 -2.30 -10.74
CA ARG A 32 -23.51 -2.11 -11.20
CA ARG A 32 -23.51 -2.11 -11.20
C ARG A 32 -23.79 -2.94 -12.45
C ARG A 32 -23.79 -2.96 -12.45
N ASP A 33 -22.75 -3.18 -13.25
CA ASP A 33 -22.84 -3.98 -14.46
C ASP A 33 -22.75 -5.50 -14.21
N GLY A 34 -22.72 -5.88 -12.94
CA GLY A 34 -22.68 -7.27 -12.55
C GLY A 34 -21.32 -7.86 -12.22
N GLY A 35 -20.32 -6.98 -12.08
CA GLY A 35 -19.01 -7.42 -11.73
C GLY A 35 -18.90 -7.87 -10.29
N SER A 36 -17.95 -8.75 -10.05
CA SER A 36 -17.57 -9.09 -8.69
C SER A 36 -16.77 -7.95 -8.04
N ALA A 37 -16.55 -8.07 -6.75
CA ALA A 37 -15.66 -7.14 -6.07
C ALA A 37 -14.26 -7.13 -6.73
N VAL A 38 -13.78 -8.31 -7.14
CA VAL A 38 -12.52 -8.38 -7.84
C VAL A 38 -12.55 -7.64 -9.18
N ASP A 39 -13.61 -7.84 -9.99
CA ASP A 39 -13.71 -7.09 -11.26
C ASP A 39 -13.64 -5.56 -11.00
N ALA A 40 -14.38 -5.12 -9.98
CA ALA A 40 -14.41 -3.70 -9.67
C ALA A 40 -13.04 -3.20 -9.24
N ALA A 41 -12.37 -4.01 -8.41
CA ALA A 41 -11.03 -3.66 -7.94
C ALA A 41 -10.07 -3.51 -9.12
N ILE A 42 -10.08 -4.47 -10.03
CA ILE A 42 -9.18 -4.39 -11.17
C ILE A 42 -9.49 -3.15 -12.04
N ALA A 43 -10.79 -2.95 -12.33
CA ALA A 43 -11.14 -1.77 -13.15
C ALA A 43 -10.69 -0.48 -12.50
N ALA A 44 -10.90 -0.39 -11.18
CA ALA A 44 -10.46 0.80 -10.47
C ALA A 44 -8.93 0.95 -10.43
N LEU A 45 -8.23 -0.16 -10.20
CA LEU A 45 -6.78 -0.13 -10.16
C LEU A 45 -6.16 0.32 -11.50
N LEU A 46 -6.74 -0.15 -12.61
CA LEU A 46 -6.26 0.25 -13.92
C LEU A 46 -6.41 1.77 -14.07
N CYS A 47 -7.49 2.32 -13.52
CA CYS A 47 -7.70 3.77 -13.55
CA CYS A 47 -7.70 3.77 -13.54
C CYS A 47 -6.74 4.53 -12.62
N VAL A 48 -6.51 3.99 -11.42
CA VAL A 48 -5.57 4.66 -10.47
C VAL A 48 -4.18 4.74 -11.08
N GLY A 49 -3.81 3.71 -11.87
CA GLY A 49 -2.55 3.73 -12.56
C GLY A 49 -2.38 4.86 -13.56
N LEU A 50 -3.50 5.45 -13.98
CA LEU A 50 -3.49 6.65 -14.79
C LEU A 50 -3.57 7.92 -13.94
N MET A 51 -4.60 8.03 -13.11
N MET A 51 -4.61 8.00 -13.11
CA MET A 51 -4.82 9.30 -12.43
CA MET A 51 -4.92 9.22 -12.34
C MET A 51 -3.77 9.56 -11.36
C MET A 51 -3.85 9.55 -11.29
N ASN A 52 -3.28 8.50 -10.73
CA ASN A 52 -2.17 8.60 -9.78
C ASN A 52 -1.01 7.77 -10.28
N ALA A 53 -0.55 8.09 -11.49
CA ALA A 53 0.52 7.36 -12.16
C ALA A 53 1.83 7.39 -11.39
N HIS A 54 2.01 8.38 -10.50
CA HIS A 54 3.20 8.38 -9.66
C HIS A 54 3.21 7.27 -8.62
N SER A 55 2.05 6.70 -8.33
CA SER A 55 1.83 5.82 -7.18
C SER A 55 1.91 4.34 -7.46
N MET A 56 1.34 3.92 -8.59
CA MET A 56 1.13 2.51 -8.86
C MET A 56 0.80 2.39 -10.34
N GLY A 57 0.83 1.14 -10.81
CA GLY A 57 0.38 0.83 -12.16
C GLY A 57 0.98 -0.47 -12.68
N ILE A 58 0.86 -0.67 -13.98
CA ILE A 58 1.22 -1.96 -14.56
C ILE A 58 2.73 -2.21 -14.57
N GLY A 59 3.53 -1.19 -14.25
CA GLY A 59 4.94 -1.38 -14.02
C GLY A 59 5.36 -1.75 -12.62
N GLY A 60 4.38 -2.01 -11.73
CA GLY A 60 4.65 -2.32 -10.33
C GLY A 60 4.13 -3.68 -9.89
N GLY A 61 3.70 -3.72 -8.63
CA GLY A 61 3.18 -4.96 -8.08
C GLY A 61 2.18 -4.68 -6.99
N LEU A 62 1.41 -5.69 -6.61
CA LEU A 62 0.35 -5.51 -5.62
C LEU A 62 0.08 -6.75 -4.84
N PHE A 63 -0.63 -6.54 -3.74
CA PHE A 63 -1.26 -7.61 -3.01
C PHE A 63 -2.76 -7.33 -2.93
N LEU A 64 -3.54 -8.41 -3.01
CA LEU A 64 -4.99 -8.36 -2.79
C LEU A 64 -5.34 -9.28 -1.63
N THR A 65 -6.17 -8.76 -0.72
CA THR A 65 -6.84 -9.55 0.29
C THR A 65 -8.29 -9.63 -0.14
N ILE A 66 -8.81 -10.86 -0.25
CA ILE A 66 -10.12 -11.09 -0.87
C ILE A 66 -10.95 -11.94 0.09
N TYR A 67 -12.19 -11.52 0.33
CA TYR A 67 -13.11 -12.25 1.18
C TYR A 67 -14.35 -12.63 0.39
N ASN A 68 -14.72 -13.91 0.45
CA ASN A 68 -15.92 -14.42 -0.17
C ASN A 68 -16.99 -14.65 0.91
N SER A 69 -18.08 -13.89 0.82
CA SER A 69 -19.11 -13.92 1.83
C SER A 69 -19.96 -15.19 1.80
N THR A 70 -19.91 -15.95 0.72
CA THR A 70 -20.68 -17.21 0.62
C THR A 70 -19.92 -18.33 1.33
N THR A 71 -18.66 -18.48 0.98
CA THR A 71 -17.80 -19.51 1.57
C THR A 71 -17.29 -19.11 2.96
N ARG A 72 -17.34 -17.81 3.27
CA ARG A 72 -16.79 -17.24 4.49
C ARG A 72 -15.28 -17.47 4.59
N LYS A 73 -14.64 -17.48 3.43
CA LYS A 73 -13.20 -17.68 3.37
C LYS A 73 -12.52 -16.45 2.78
N ALA A 74 -11.35 -16.14 3.35
CA ALA A 74 -10.45 -15.14 2.84
C ALA A 74 -9.24 -15.78 2.18
N GLU A 75 -8.71 -15.09 1.18
CA GLU A 75 -7.46 -15.49 0.53
C GLU A 75 -6.65 -14.24 0.26
N VAL A 76 -5.37 -14.46 -0.03
CA VAL A 76 -4.48 -13.39 -0.45
C VAL A 76 -3.87 -13.76 -1.79
N ILE A 77 -3.75 -12.75 -2.65
CA ILE A 77 -2.99 -12.89 -3.90
C ILE A 77 -1.74 -12.03 -3.81
N ASN A 78 -0.60 -12.73 -3.85
CA ASN A 78 0.71 -12.13 -3.85
C ASN A 78 1.18 -11.87 -5.28
N ALA A 79 1.16 -10.60 -5.68
CA ALA A 79 1.69 -10.19 -6.97
C ALA A 79 2.68 -9.04 -6.86
N ARG A 80 3.49 -9.09 -5.80
CA ARG A 80 4.55 -8.15 -5.61
C ARG A 80 5.73 -8.49 -6.54
N GLU A 81 6.46 -7.48 -6.93
CA GLU A 81 7.64 -7.66 -7.77
C GLU A 81 8.69 -8.56 -7.14
N VAL A 82 9.45 -9.29 -7.98
N VAL A 82 9.58 -9.06 -7.98
CA VAL A 82 10.61 -10.10 -7.54
CA VAL A 82 10.56 -10.01 -7.54
C VAL A 82 11.90 -9.57 -8.12
C VAL A 82 11.90 -9.59 -8.14
N ALA A 83 12.99 -9.80 -7.41
CA ALA A 83 14.28 -9.50 -7.95
C ALA A 83 14.53 -10.38 -9.17
N PRO A 84 15.12 -9.81 -10.23
CA PRO A 84 15.40 -10.63 -11.42
C PRO A 84 16.48 -11.69 -11.17
N ARG A 85 16.57 -12.63 -12.09
CA ARG A 85 17.44 -13.78 -11.97
C ARG A 85 18.92 -13.38 -11.88
N LEU A 86 19.28 -12.26 -12.50
CA LEU A 86 20.65 -11.77 -12.52
C LEU A 86 20.98 -10.88 -11.33
N ALA A 87 20.00 -10.61 -10.46
CA ALA A 87 20.26 -9.79 -9.27
C ALA A 87 21.15 -10.48 -8.24
N PHE A 88 21.79 -9.70 -7.38
CA PHE A 88 22.60 -10.27 -6.30
C PHE A 88 22.75 -9.25 -5.16
N ALA A 89 23.20 -9.76 -4.02
CA ALA A 89 23.13 -9.00 -2.77
C ALA A 89 23.90 -7.70 -2.82
N THR A 90 25.04 -7.70 -3.53
CA THR A 90 25.95 -6.57 -3.56
C THR A 90 25.86 -5.73 -4.82
N MET A 91 24.70 -5.78 -5.49
CA MET A 91 24.56 -5.10 -6.78
C MET A 91 24.51 -3.59 -6.72
N PHE A 92 24.15 -3.04 -5.54
CA PHE A 92 24.10 -1.57 -5.35
C PHE A 92 25.13 -1.16 -4.28
N ASN A 93 25.79 -0.04 -4.52
CA ASN A 93 26.70 0.60 -3.55
C ASN A 93 26.32 1.99 -3.08
N SER A 94 25.27 2.56 -3.67
CA SER A 94 24.76 3.84 -3.22
C SER A 94 23.26 3.85 -3.34
N SER A 95 22.62 4.71 -2.56
CA SER A 95 21.18 4.91 -2.65
CA SER A 95 21.18 4.91 -2.65
C SER A 95 20.73 5.30 -4.06
N GLU A 96 21.49 6.15 -4.74
CA GLU A 96 21.11 6.53 -6.11
C GLU A 96 21.00 5.33 -7.04
N GLN A 97 21.93 4.40 -6.91
CA GLN A 97 21.92 3.20 -7.72
C GLN A 97 20.69 2.33 -7.49
N SER A 98 20.23 2.24 -6.25
N SER A 98 20.31 2.33 -6.22
CA SER A 98 19.10 1.37 -5.92
CA SER A 98 19.25 1.52 -5.68
C SER A 98 17.77 2.06 -6.19
C SER A 98 17.89 2.05 -6.07
N GLN A 99 17.79 3.37 -6.42
N GLN A 99 17.81 3.35 -6.35
CA GLN A 99 16.55 4.13 -6.53
CA GLN A 99 16.52 4.06 -6.51
C GLN A 99 16.17 4.65 -7.91
C GLN A 99 16.17 4.66 -7.89
N LYS A 100 17.14 4.84 -8.78
CA LYS A 100 16.89 5.47 -10.04
C LYS A 100 17.52 4.66 -11.12
N GLY A 101 16.80 4.48 -12.23
CA GLY A 101 17.34 3.82 -13.37
C GLY A 101 16.94 2.38 -13.50
N GLY A 102 17.33 1.75 -14.60
CA GLY A 102 16.89 0.41 -14.88
C GLY A 102 17.28 -0.65 -13.88
N LEU A 103 18.44 -0.48 -13.23
CA LEU A 103 18.88 -1.49 -12.27
C LEU A 103 17.99 -1.52 -11.02
N SER A 104 17.25 -0.44 -10.76
CA SER A 104 16.35 -0.38 -9.62
C SER A 104 15.01 -1.10 -9.83
N VAL A 105 14.79 -1.55 -11.08
CA VAL A 105 13.51 -2.15 -11.46
C VAL A 105 13.45 -3.64 -11.09
N ALA A 106 12.42 -4.00 -10.31
CA ALA A 106 12.13 -5.40 -10.06
C ALA A 106 11.10 -5.90 -11.08
N VAL A 107 10.96 -7.21 -11.22
CA VAL A 107 10.09 -7.75 -12.25
C VAL A 107 8.61 -7.40 -11.90
N PRO A 108 7.90 -6.69 -12.81
CA PRO A 108 6.52 -6.29 -12.44
C PRO A 108 5.55 -7.46 -12.31
N GLY A 109 4.73 -7.43 -11.27
CA GLY A 109 3.75 -8.45 -11.01
C GLY A 109 2.30 -8.09 -11.26
N GLU A 110 2.07 -6.79 -11.48
CA GLU A 110 0.70 -6.24 -11.45
C GLU A 110 -0.31 -7.01 -12.32
N ILE A 111 0.04 -7.14 -13.60
CA ILE A 111 -0.92 -7.74 -14.54
C ILE A 111 -1.13 -9.23 -14.27
N ARG A 112 -0.10 -9.97 -13.87
N ARG A 112 -0.09 -9.91 -13.84
CA ARG A 112 -0.31 -11.40 -13.52
CA ARG A 112 -0.21 -11.29 -13.49
C ARG A 112 -1.18 -11.48 -12.25
C ARG A 112 -1.14 -11.45 -12.26
N GLY A 113 -1.07 -10.51 -11.34
CA GLY A 113 -1.97 -10.47 -10.21
C GLY A 113 -3.41 -10.22 -10.61
N TYR A 114 -3.63 -9.24 -11.49
CA TYR A 114 -4.98 -9.01 -11.99
C TYR A 114 -5.54 -10.29 -12.64
N GLU A 115 -4.71 -10.95 -13.45
CA GLU A 115 -5.14 -12.14 -14.15
C GLU A 115 -5.55 -13.26 -13.20
N LEU A 116 -4.71 -13.53 -12.19
CA LEU A 116 -5.02 -14.61 -11.26
C LEU A 116 -6.30 -14.28 -10.48
N ALA A 117 -6.41 -13.03 -10.01
CA ALA A 117 -7.60 -12.63 -9.29
C ALA A 117 -8.85 -12.79 -10.20
N HIS A 118 -8.74 -12.37 -11.44
CA HIS A 118 -9.86 -12.44 -12.38
C HIS A 118 -10.22 -13.87 -12.75
N GLN A 119 -9.22 -14.73 -12.90
CA GLN A 119 -9.50 -16.14 -13.18
C GLN A 119 -10.30 -16.78 -12.05
N ARG A 120 -9.97 -16.41 -10.82
CA ARG A 120 -10.61 -17.00 -9.65
C ARG A 120 -11.97 -16.43 -9.29
N HIS A 121 -12.17 -15.13 -9.57
CA HIS A 121 -13.30 -14.38 -9.02
C HIS A 121 -14.00 -13.46 -10.00
N GLY A 122 -13.56 -13.45 -11.25
CA GLY A 122 -14.10 -12.51 -12.24
C GLY A 122 -15.46 -12.96 -12.73
N ARG A 123 -16.28 -11.98 -13.07
N ARG A 123 -16.29 -11.97 -13.04
CA ARG A 123 -17.56 -12.19 -13.73
CA ARG A 123 -17.93 -12.33 -13.76
CA ARG A 123 -17.58 -12.15 -13.68
C ARG A 123 -17.64 -11.45 -15.06
C ARG A 123 -17.67 -11.44 -15.04
N LEU A 124 -17.12 -10.23 -15.13
CA LEU A 124 -17.11 -9.48 -16.37
C LEU A 124 -15.93 -9.92 -17.24
N PRO A 125 -16.04 -9.74 -18.57
CA PRO A 125 -14.93 -10.01 -19.46
C PRO A 125 -13.72 -9.17 -19.11
N TRP A 126 -12.55 -9.77 -19.28
CA TRP A 126 -11.29 -9.09 -19.08
C TRP A 126 -11.21 -7.73 -19.79
N ALA A 127 -11.63 -7.67 -21.05
CA ALA A 127 -11.48 -6.41 -21.80
C ALA A 127 -12.35 -5.29 -21.22
N ARG A 128 -13.51 -5.67 -20.67
CA ARG A 128 -14.42 -4.70 -20.08
C ARG A 128 -13.74 -3.94 -18.93
N LEU A 129 -12.83 -4.60 -18.22
CA LEU A 129 -12.13 -3.98 -17.10
C LEU A 129 -11.22 -2.85 -17.54
N PHE A 130 -10.72 -2.92 -18.77
CA PHE A 130 -9.82 -1.93 -19.31
C PHE A 130 -10.51 -0.76 -20.04
N GLN A 131 -11.69 -1.04 -20.60
CA GLN A 131 -12.33 -0.08 -21.50
C GLN A 131 -12.41 1.36 -20.97
N PRO A 132 -12.92 1.54 -19.73
CA PRO A 132 -13.05 2.92 -19.27
C PRO A 132 -11.71 3.66 -19.09
N SER A 133 -10.67 2.90 -18.73
CA SER A 133 -9.34 3.48 -18.57
C SER A 133 -8.69 3.81 -19.92
N ILE A 134 -8.95 3.00 -20.93
CA ILE A 134 -8.43 3.32 -22.28
C ILE A 134 -9.03 4.67 -22.74
N GLN A 135 -10.34 4.84 -22.52
CA GLN A 135 -10.97 6.12 -22.86
CA GLN A 135 -10.97 6.12 -22.88
C GLN A 135 -10.37 7.27 -22.08
N LEU A 136 -10.19 7.05 -20.77
CA LEU A 136 -9.70 8.11 -19.90
C LEU A 136 -8.30 8.56 -20.29
N ALA A 137 -7.43 7.58 -20.57
CA ALA A 137 -6.06 7.86 -20.95
C ALA A 137 -5.98 8.67 -22.25
N ARG A 138 -6.91 8.41 -23.16
CA ARG A 138 -6.97 9.14 -24.43
C ARG A 138 -7.60 10.52 -24.35
N GLN A 139 -8.73 10.61 -23.66
CA GLN A 139 -9.43 11.90 -23.47
C GLN A 139 -8.63 12.83 -22.57
N GLY A 140 -7.93 12.23 -21.62
CA GLY A 140 -7.24 13.03 -20.64
C GLY A 140 -8.13 13.40 -19.48
N PHE A 141 -7.50 13.98 -18.47
CA PHE A 141 -8.21 14.36 -17.26
C PHE A 141 -7.42 15.44 -16.55
N PRO A 142 -8.09 16.26 -15.72
CA PRO A 142 -7.37 17.26 -14.94
C PRO A 142 -6.51 16.59 -13.89
N VAL A 143 -5.27 17.04 -13.80
CA VAL A 143 -4.38 16.54 -12.77
C VAL A 143 -4.98 16.83 -11.38
N GLY A 144 -5.09 15.81 -10.54
CA GLY A 144 -5.64 15.95 -9.20
C GLY A 144 -4.63 16.40 -8.17
N LYS A 145 -5.11 16.57 -6.93
CA LYS A 145 -4.28 17.08 -5.86
C LYS A 145 -3.00 16.28 -5.63
N GLY A 146 -3.17 14.96 -5.53
CA GLY A 146 -2.07 14.06 -5.16
C GLY A 146 -0.98 14.05 -6.22
N LEU A 147 -1.40 13.87 -7.46
CA LEU A 147 -0.47 13.86 -8.58
C LEU A 147 0.22 15.19 -8.76
N ALA A 148 -0.54 16.29 -8.59
CA ALA A 148 0.06 17.62 -8.71
C ALA A 148 1.19 17.82 -7.68
N ALA A 149 0.97 17.37 -6.43
CA ALA A 149 1.97 17.55 -5.41
C ALA A 149 3.19 16.67 -5.71
N ALA A 150 2.96 15.46 -6.22
CA ALA A 150 4.08 14.60 -6.57
C ALA A 150 4.92 15.17 -7.73
N LEU A 151 4.22 15.69 -8.72
CA LEU A 151 4.89 16.36 -9.84
C LEU A 151 5.77 17.53 -9.36
N GLU A 152 5.24 18.33 -8.46
CA GLU A 152 6.02 19.45 -7.95
C GLU A 152 7.23 18.93 -7.17
N ASN A 153 7.01 17.92 -6.32
CA ASN A 153 8.07 17.37 -5.49
C ASN A 153 9.23 16.86 -6.36
N LYS A 154 8.87 16.25 -7.51
CA LYS A 154 9.87 15.64 -8.40
CA LYS A 154 9.84 15.63 -8.41
C LYS A 154 10.10 16.46 -9.67
N ARG A 155 9.82 17.76 -9.60
CA ARG A 155 9.89 18.61 -10.78
CA ARG A 155 9.88 18.58 -10.81
C ARG A 155 11.27 18.57 -11.45
N THR A 156 12.32 18.56 -10.66
CA THR A 156 13.66 18.60 -11.23
C THR A 156 13.96 17.35 -12.08
N VAL A 157 13.74 16.17 -11.52
CA VAL A 157 14.02 14.96 -12.27
C VAL A 157 13.10 14.84 -13.50
N ILE A 158 11.83 15.16 -13.35
CA ILE A 158 10.90 15.06 -14.49
C ILE A 158 11.30 16.01 -15.61
N GLU A 159 11.61 17.24 -15.26
CA GLU A 159 11.88 18.25 -16.27
C GLU A 159 13.17 17.97 -17.01
N GLN A 160 14.10 17.25 -16.40
CA GLN A 160 15.37 16.97 -17.08
C GLN A 160 15.38 15.63 -17.83
N GLN A 161 14.26 14.91 -17.80
CA GLN A 161 14.11 13.65 -18.51
C GLN A 161 13.04 13.77 -19.60
N PRO A 162 13.48 13.91 -20.87
CA PRO A 162 12.52 14.14 -21.94
C PRO A 162 11.40 13.11 -22.05
N VAL A 163 11.70 11.84 -21.74
CA VAL A 163 10.67 10.81 -21.88
C VAL A 163 9.57 10.98 -20.82
N LEU A 164 9.91 11.53 -19.65
CA LEU A 164 8.89 11.86 -18.65
C LEU A 164 8.18 13.17 -18.99
N CYS A 165 8.95 14.18 -19.40
CA CYS A 165 8.39 15.47 -19.86
CA CYS A 165 8.35 15.46 -19.77
C CYS A 165 7.32 15.30 -20.91
N GLU A 166 7.55 14.31 -21.79
CA GLU A 166 6.68 14.03 -22.93
C GLU A 166 5.23 13.93 -22.50
N VAL A 167 4.98 13.32 -21.35
CA VAL A 167 3.61 13.23 -20.82
C VAL A 167 3.34 14.12 -19.63
N PHE A 168 4.34 14.39 -18.81
CA PHE A 168 4.05 15.06 -17.53
C PHE A 168 4.31 16.58 -17.50
N CYS A 169 4.69 17.16 -18.64
CA CYS A 169 4.96 18.60 -18.69
CA CYS A 169 4.96 18.60 -18.70
C CYS A 169 4.11 19.31 -19.74
N ARG A 170 4.06 20.62 -19.58
CA ARG A 170 3.47 21.56 -20.52
C ARG A 170 4.44 22.73 -20.55
N ASP A 171 4.87 23.13 -21.74
CA ASP A 171 5.82 24.25 -21.86
C ASP A 171 7.10 24.00 -21.03
N ARG A 172 7.50 22.72 -20.96
CA ARG A 172 8.78 22.26 -20.40
C ARG A 172 8.79 22.22 -18.86
N LYS A 173 7.63 22.45 -18.26
CA LYS A 173 7.45 22.52 -16.81
C LYS A 173 6.38 21.51 -16.41
N VAL A 174 6.50 20.97 -15.21
CA VAL A 174 5.49 19.97 -14.82
C VAL A 174 4.06 20.54 -14.83
N LEU A 175 3.12 19.67 -15.19
CA LEU A 175 1.71 19.97 -15.05
C LEU A 175 1.34 20.39 -13.65
N ARG A 176 0.43 21.36 -13.57
CA ARG A 176 -0.13 21.83 -12.32
C ARG A 176 -1.53 21.27 -12.13
N GLU A 177 -2.01 21.30 -10.90
CA GLU A 177 -3.34 20.82 -10.59
C GLU A 177 -4.37 21.49 -11.52
N GLY A 178 -5.27 20.66 -12.04
CA GLY A 178 -6.30 21.12 -12.96
C GLY A 178 -5.95 21.07 -14.45
N GLU A 179 -4.67 21.04 -14.78
CA GLU A 179 -4.25 20.98 -16.18
C GLU A 179 -4.44 19.56 -16.70
N ARG A 180 -4.69 19.44 -17.99
CA ARG A 180 -5.06 18.16 -18.61
C ARG A 180 -3.82 17.29 -18.83
N LEU A 181 -3.91 16.07 -18.34
CA LEU A 181 -2.93 15.04 -18.59
C LEU A 181 -3.55 13.98 -19.51
N THR A 182 -2.85 13.62 -20.60
CA THR A 182 -3.19 12.49 -21.43
C THR A 182 -2.06 11.48 -21.37
N LEU A 183 -2.42 10.22 -21.50
CA LEU A 183 -1.47 9.11 -21.45
C LEU A 183 -1.67 8.20 -22.68
N PRO A 184 -1.28 8.70 -23.86
CA PRO A 184 -1.69 8.04 -25.12
C PRO A 184 -1.00 6.71 -25.43
N GLN A 185 0.26 6.58 -24.98
CA GLN A 185 0.95 5.33 -25.19
C GLN A 185 0.42 4.28 -24.24
N LEU A 186 0.17 4.64 -22.98
N LEU A 186 0.19 4.68 -23.01
CA LEU A 186 -0.45 3.68 -22.05
CA LEU A 186 -0.38 3.75 -22.07
C LEU A 186 -1.83 3.26 -22.52
C LEU A 186 -1.80 3.29 -22.49
N ALA A 187 -2.57 4.18 -23.11
CA ALA A 187 -3.89 3.79 -23.62
C ALA A 187 -3.74 2.64 -24.61
N ASP A 188 -2.76 2.77 -25.51
CA ASP A 188 -2.53 1.72 -26.51
C ASP A 188 -2.09 0.40 -25.83
N THR A 189 -1.21 0.50 -24.82
CA THR A 189 -0.78 -0.68 -24.08
C THR A 189 -1.94 -1.35 -23.35
N TYR A 190 -2.78 -0.53 -22.71
CA TYR A 190 -3.96 -1.07 -22.08
C TYR A 190 -4.86 -1.78 -23.09
N GLU A 191 -4.99 -1.22 -24.29
CA GLU A 191 -5.81 -1.86 -25.31
C GLU A 191 -5.22 -3.21 -25.72
N THR A 192 -3.89 -3.27 -25.90
CA THR A 192 -3.27 -4.55 -26.20
C THR A 192 -3.52 -5.57 -25.09
N LEU A 193 -3.35 -5.14 -23.84
CA LEU A 193 -3.62 -6.03 -22.73
C LEU A 193 -5.08 -6.53 -22.72
N ALA A 194 -6.01 -5.62 -23.04
CA ALA A 194 -7.42 -5.96 -23.06
C ALA A 194 -7.73 -7.05 -24.09
N ILE A 195 -7.10 -6.92 -25.25
CA ILE A 195 -7.36 -7.81 -26.40
C ILE A 195 -6.57 -9.12 -26.31
N GLU A 196 -5.30 -9.02 -25.94
CA GLU A 196 -4.39 -10.18 -26.00
C GLU A 196 -4.21 -10.87 -24.66
N GLY A 197 -4.66 -10.23 -23.59
CA GLY A 197 -4.53 -10.78 -22.24
C GLY A 197 -3.19 -10.49 -21.59
N ALA A 198 -3.07 -11.02 -20.38
CA ALA A 198 -1.85 -10.87 -19.59
C ALA A 198 -0.61 -11.43 -20.28
N GLN A 199 -0.80 -12.45 -21.13
CA GLN A 199 0.32 -13.04 -21.80
C GLN A 199 1.05 -12.01 -22.67
N ALA A 200 0.34 -10.97 -23.14
CA ALA A 200 1.03 -9.94 -23.93
C ALA A 200 2.20 -9.32 -23.17
N PHE A 201 2.01 -9.13 -21.86
CA PHE A 201 3.02 -8.51 -21.01
C PHE A 201 4.19 -9.48 -20.75
N TYR A 202 3.89 -10.71 -20.36
CA TYR A 202 4.88 -11.63 -19.81
C TYR A 202 5.52 -12.54 -20.82
N ASN A 203 4.81 -12.84 -21.92
CA ASN A 203 5.32 -13.76 -22.92
C ASN A 203 4.61 -13.55 -24.24
N GLY A 204 4.71 -12.31 -24.73
CA GLY A 204 3.91 -11.90 -25.87
C GLY A 204 4.37 -10.59 -26.45
N SER A 205 3.44 -9.88 -27.08
CA SER A 205 3.80 -8.75 -27.93
C SER A 205 4.45 -7.54 -27.26
N LEU A 206 4.33 -7.41 -25.94
CA LEU A 206 4.92 -6.30 -25.22
C LEU A 206 6.28 -6.64 -24.63
N THR A 207 6.57 -7.92 -24.53
CA THR A 207 7.69 -8.38 -23.69
C THR A 207 9.04 -7.87 -24.16
N ALA A 208 9.35 -8.04 -25.45
CA ALA A 208 10.67 -7.62 -25.91
C ALA A 208 10.91 -6.14 -25.68
N GLN A 209 9.88 -5.32 -25.87
CA GLN A 209 10.02 -3.90 -25.65
C GLN A 209 10.23 -3.57 -24.16
N ILE A 210 9.51 -4.24 -23.27
CA ILE A 210 9.75 -4.08 -21.83
C ILE A 210 11.23 -4.33 -21.49
N VAL A 211 11.75 -5.43 -21.98
CA VAL A 211 13.14 -5.81 -21.73
C VAL A 211 14.08 -4.75 -22.29
N LYS A 212 13.83 -4.33 -23.54
CA LYS A 212 14.66 -3.31 -24.19
C LYS A 212 14.68 -2.01 -23.35
N ASP A 213 13.52 -1.60 -22.85
CA ASP A 213 13.42 -0.36 -22.08
C ASP A 213 14.17 -0.44 -20.75
N ILE A 214 14.01 -1.56 -20.04
CA ILE A 214 14.67 -1.71 -18.74
C ILE A 214 16.20 -1.80 -18.95
N GLN A 215 16.63 -2.59 -19.93
CA GLN A 215 18.06 -2.72 -20.21
C GLN A 215 18.69 -1.44 -20.73
N ALA A 216 17.97 -0.67 -21.55
CA ALA A 216 18.52 0.59 -22.09
C ALA A 216 18.83 1.56 -20.98
N ALA A 217 18.06 1.45 -19.89
CA ALA A 217 18.23 2.31 -18.72
C ALA A 217 19.20 1.73 -17.69
N GLY A 218 19.94 0.68 -18.08
CA GLY A 218 20.94 0.07 -17.22
C GLY A 218 20.51 -1.13 -16.42
N GLY A 219 19.32 -1.64 -16.71
CA GLY A 219 18.83 -2.78 -15.98
C GLY A 219 19.20 -4.14 -16.52
N ILE A 220 18.71 -5.15 -15.82
CA ILE A 220 19.11 -6.55 -16.03
C ILE A 220 17.93 -7.54 -16.13
N VAL A 221 16.71 -7.00 -16.15
CA VAL A 221 15.54 -7.82 -16.40
C VAL A 221 15.63 -8.39 -17.84
N THR A 222 15.34 -9.67 -17.95
CA THR A 222 15.34 -10.40 -19.23
C THR A 222 13.97 -10.96 -19.54
N ALA A 223 13.79 -11.44 -20.77
CA ALA A 223 12.55 -12.07 -21.15
C ALA A 223 12.25 -13.26 -20.26
N GLU A 224 13.29 -14.02 -19.90
CA GLU A 224 13.07 -15.17 -19.05
C GLU A 224 12.44 -14.76 -17.71
N ASP A 225 12.90 -13.63 -17.17
CA ASP A 225 12.29 -13.14 -15.94
C ASP A 225 10.79 -12.90 -16.07
N LEU A 226 10.40 -12.23 -17.15
CA LEU A 226 8.99 -11.99 -17.39
C LEU A 226 8.22 -13.31 -17.62
N ASN A 227 8.81 -14.18 -18.44
CA ASN A 227 8.16 -15.42 -18.73
C ASN A 227 7.89 -16.24 -17.44
N ASN A 228 8.82 -16.17 -16.49
CA ASN A 228 8.77 -17.01 -15.29
C ASN A 228 8.00 -16.40 -14.10
N TYR A 229 7.57 -15.15 -14.23
CA TYR A 229 6.88 -14.49 -13.13
C TYR A 229 5.58 -15.22 -12.84
N ARG A 230 5.27 -15.45 -11.58
CA ARG A 230 3.98 -16.00 -11.19
C ARG A 230 3.39 -15.24 -10.02
N ALA A 231 2.11 -14.88 -10.12
CA ALA A 231 1.35 -14.48 -8.95
C ALA A 231 1.06 -15.72 -8.12
N GLU A 232 0.88 -15.54 -6.82
CA GLU A 232 0.73 -16.65 -5.90
C GLU A 232 -0.55 -16.52 -5.10
N LEU A 233 -1.35 -17.59 -5.08
CA LEU A 233 -2.52 -17.68 -4.23
C LEU A 233 -2.10 -18.19 -2.85
N ILE A 234 -2.53 -17.46 -1.81
CA ILE A 234 -2.34 -17.85 -0.43
C ILE A 234 -3.73 -18.15 0.14
N GLU A 235 -4.01 -19.43 0.39
CA GLU A 235 -5.33 -19.82 0.88
C GLU A 235 -5.55 -19.53 2.35
N HIS A 236 -4.46 -19.39 3.10
CA HIS A 236 -4.54 -19.18 4.54
C HIS A 236 -3.74 -17.93 4.93
N PRO A 237 -4.33 -16.75 4.74
CA PRO A 237 -3.72 -15.53 5.18
C PRO A 237 -3.59 -15.45 6.66
N LEU A 238 -2.81 -14.48 7.11
CA LEU A 238 -2.68 -14.24 8.53
C LEU A 238 -4.00 -13.74 9.04
N ASN A 239 -4.34 -14.20 10.23
CA ASN A 239 -5.41 -13.57 10.87
C ASN A 239 -5.14 -13.36 12.34
N ILE A 240 -5.92 -12.46 12.93
CA ILE A 240 -5.97 -12.32 14.35
C ILE A 240 -7.42 -12.14 14.73
N SER A 241 -7.72 -12.59 15.92
CA SER A 241 -8.97 -12.38 16.55
C SER A 241 -8.94 -11.09 17.37
N LEU A 242 -9.91 -10.19 17.16
CA LEU A 242 -10.16 -9.03 18.05
C LEU A 242 -11.61 -9.02 18.42
N GLY A 243 -11.89 -9.27 19.69
CA GLY A 243 -13.25 -9.37 20.14
C GLY A 243 -13.98 -10.46 19.36
N ASP A 244 -15.08 -10.07 18.73
CA ASP A 244 -15.90 -11.00 17.98
C ASP A 244 -15.56 -10.98 16.48
N ALA A 245 -14.47 -10.35 16.11
CA ALA A 245 -14.09 -10.24 14.72
C ALA A 245 -12.81 -11.00 14.42
N VAL A 246 -12.59 -11.23 13.14
CA VAL A 246 -11.33 -11.74 12.64
C VAL A 246 -10.79 -10.74 11.66
N LEU A 247 -9.48 -10.49 11.71
CA LEU A 247 -8.81 -9.56 10.76
C LEU A 247 -7.90 -10.37 9.88
N TYR A 248 -8.18 -10.37 8.59
CA TYR A 248 -7.36 -11.03 7.59
C TYR A 248 -6.41 -10.04 6.95
N MET A 249 -5.15 -10.45 6.87
CA MET A 249 -4.09 -9.59 6.35
C MET A 249 -2.95 -10.44 5.85
N PRO A 250 -2.08 -9.87 5.00
CA PRO A 250 -1.00 -10.70 4.47
C PRO A 250 0.16 -10.83 5.43
N SER A 251 0.73 -12.02 5.47
CA SER A 251 1.96 -12.24 6.20
C SER A 251 3.17 -11.77 5.41
N ALA A 252 4.36 -12.00 5.97
CA ALA A 252 5.63 -11.74 5.27
C ALA A 252 5.52 -12.27 3.84
N PRO A 253 5.97 -11.52 2.82
CA PRO A 253 6.82 -10.34 2.89
C PRO A 253 6.13 -9.01 3.15
N LEU A 254 4.83 -9.04 3.45
CA LEU A 254 4.14 -7.83 3.87
C LEU A 254 4.07 -7.71 5.39
N SER A 255 3.43 -6.64 5.87
CA SER A 255 3.52 -6.25 7.26
C SER A 255 2.32 -6.61 8.12
N GLY A 256 1.52 -7.58 7.69
CA GLY A 256 0.52 -8.14 8.59
C GLY A 256 1.05 -8.51 9.98
N PRO A 257 2.25 -9.12 10.09
CA PRO A 257 2.72 -9.47 11.43
C PRO A 257 2.95 -8.25 12.32
N VAL A 258 3.37 -7.15 11.72
CA VAL A 258 3.61 -5.90 12.45
C VAL A 258 2.27 -5.32 12.91
N LEU A 259 1.29 -5.27 11.99
CA LEU A 259 -0.03 -4.77 12.35
C LEU A 259 -0.65 -5.64 13.46
N ALA A 260 -0.54 -6.95 13.33
CA ALA A 260 -1.06 -7.86 14.31
C ALA A 260 -0.46 -7.56 15.68
N LEU A 261 0.85 -7.38 15.74
CA LEU A 261 1.48 -7.16 17.03
C LEU A 261 1.06 -5.82 17.65
N ILE A 262 0.97 -4.77 16.84
CA ILE A 262 0.49 -3.48 17.34
C ILE A 262 -0.89 -3.67 18.00
N LEU A 263 -1.81 -4.28 17.26
CA LEU A 263 -3.17 -4.41 17.76
C LEU A 263 -3.28 -5.34 18.93
N ASN A 264 -2.52 -6.43 18.92
CA ASN A 264 -2.55 -7.35 20.06
C ASN A 264 -1.93 -6.76 21.31
N ILE A 265 -0.90 -5.92 21.15
CA ILE A 265 -0.40 -5.20 22.33
C ILE A 265 -1.50 -4.31 22.91
N LEU A 266 -2.14 -3.53 22.03
CA LEU A 266 -3.08 -2.51 22.48
C LEU A 266 -4.40 -3.10 22.97
N LYS A 267 -4.77 -4.30 22.50
CA LYS A 267 -6.08 -4.81 22.86
C LYS A 267 -6.20 -5.01 24.38
N GLY A 268 -5.07 -5.26 25.05
CA GLY A 268 -5.12 -5.48 26.49
C GLY A 268 -5.39 -4.25 27.33
N TYR A 269 -5.36 -3.08 26.71
CA TYR A 269 -5.76 -1.83 27.38
C TYR A 269 -7.26 -1.60 27.33
N ASN A 270 -8.00 -2.40 26.56
CA ASN A 270 -9.47 -2.23 26.50
C ASN A 270 -9.87 -0.79 26.16
N PHE A 271 -9.28 -0.25 25.09
CA PHE A 271 -9.60 1.10 24.67
C PHE A 271 -11.09 1.19 24.27
N SER A 272 -11.65 2.36 24.52
CA SER A 272 -13.03 2.67 24.21
C SER A 272 -13.14 4.16 23.95
N ARG A 273 -14.36 4.64 23.76
CA ARG A 273 -14.54 6.08 23.63
C ARG A 273 -14.00 6.87 24.85
N GLU A 274 -14.03 6.26 26.03
CA GLU A 274 -13.55 6.91 27.26
C GLU A 274 -12.04 7.19 27.17
N SER A 275 -11.33 6.41 26.35
CA SER A 275 -9.88 6.52 26.25
C SER A 275 -9.43 7.85 25.67
N VAL A 276 -10.34 8.54 24.99
CA VAL A 276 -10.05 9.83 24.37
C VAL A 276 -10.92 10.99 24.85
N GLU A 277 -11.62 10.78 25.98
CA GLU A 277 -12.68 11.68 26.44
C GLU A 277 -12.19 12.85 27.27
N SER A 278 -10.96 12.78 27.76
CA SER A 278 -10.30 13.87 28.48
C SER A 278 -8.84 13.95 28.05
N PRO A 279 -8.17 15.10 28.25
CA PRO A 279 -6.75 15.16 27.87
C PRO A 279 -5.84 14.19 28.61
N GLU A 280 -6.15 13.94 29.88
CA GLU A 280 -5.36 13.00 30.67
C GLU A 280 -5.45 11.60 30.06
N GLN A 281 -6.67 11.16 29.76
CA GLN A 281 -6.88 9.83 29.21
C GLN A 281 -6.29 9.77 27.80
N LYS A 282 -6.61 10.77 27.00
CA LYS A 282 -6.20 10.82 25.61
C LYS A 282 -4.67 10.79 25.49
N GLY A 283 -4.00 11.58 26.34
CA GLY A 283 -2.55 11.63 26.30
C GLY A 283 -1.91 10.27 26.61
N LEU A 284 -2.41 9.63 27.68
CA LEU A 284 -1.92 8.29 28.04
C LEU A 284 -2.18 7.28 26.90
N THR A 285 -3.37 7.34 26.33
CA THR A 285 -3.74 6.46 25.23
C THR A 285 -2.78 6.59 24.05
N TYR A 286 -2.49 7.83 23.66
CA TYR A 286 -1.59 8.03 22.50
C TYR A 286 -0.15 7.66 22.82
N HIS A 287 0.29 7.88 24.07
CA HIS A 287 1.60 7.38 24.49
C HIS A 287 1.67 5.86 24.34
N ARG A 288 0.63 5.18 24.80
CA ARG A 288 0.59 3.72 24.71
C ARG A 288 0.63 3.24 23.25
N ILE A 289 -0.09 3.94 22.38
CA ILE A 289 -0.05 3.63 20.95
C ILE A 289 1.38 3.74 20.41
N VAL A 290 2.06 4.86 20.72
CA VAL A 290 3.41 5.02 20.23
C VAL A 290 4.36 3.92 20.75
N GLU A 291 4.20 3.56 22.02
CA GLU A 291 5.05 2.49 22.59
C GLU A 291 4.77 1.15 21.92
N ALA A 292 3.50 0.89 21.60
CA ALA A 292 3.17 -0.33 20.85
C ALA A 292 3.84 -0.32 19.48
N PHE A 293 3.80 0.83 18.81
CA PHE A 293 4.52 0.97 17.52
C PHE A 293 6.01 0.63 17.69
N ARG A 294 6.63 1.16 18.74
CA ARG A 294 8.05 0.95 18.94
C ARG A 294 8.37 -0.51 19.17
N PHE A 295 7.59 -1.19 20.01
CA PHE A 295 7.76 -2.64 20.19
C PHE A 295 7.57 -3.40 18.90
N ALA A 296 6.55 -3.04 18.13
CA ALA A 296 6.25 -3.82 16.92
C ALA A 296 7.32 -3.65 15.86
N TYR A 297 7.83 -2.42 15.70
CA TYR A 297 8.88 -2.14 14.73
C TYR A 297 10.24 -2.72 15.13
N ALA A 298 10.44 -2.96 16.40
CA ALA A 298 11.67 -3.65 16.84
C ALA A 298 11.78 -5.09 16.30
N LYS A 299 10.61 -5.72 16.14
CA LYS A 299 10.53 -7.07 15.72
C LYS A 299 10.56 -7.18 14.15
N ARG A 300 10.14 -6.13 13.48
CA ARG A 300 10.10 -6.06 12.02
C ARG A 300 11.43 -6.36 11.33
N THR A 301 12.56 -6.03 11.96
CA THR A 301 13.86 -6.23 11.28
C THR A 301 14.25 -7.67 11.02
N LEU A 302 13.55 -8.62 11.63
CA LEU A 302 13.78 -10.04 11.31
C LEU A 302 12.93 -10.58 10.17
N LEU A 303 12.02 -9.76 9.65
CA LEU A 303 11.15 -10.20 8.57
C LEU A 303 11.81 -10.07 7.20
N GLY A 304 11.41 -10.98 6.34
CA GLY A 304 11.80 -10.96 4.94
C GLY A 304 10.96 -11.97 4.19
N ASP A 305 11.29 -12.18 2.92
CA ASP A 305 10.55 -13.12 2.09
C ASP A 305 10.67 -14.52 2.71
N PRO A 306 9.53 -15.14 3.08
CA PRO A 306 9.55 -16.41 3.78
C PRO A 306 10.04 -17.59 2.94
N LYS A 307 10.12 -17.41 1.62
CA LYS A 307 10.72 -18.40 0.73
C LYS A 307 12.26 -18.44 0.84
N PHE A 308 12.82 -17.36 1.36
CA PHE A 308 14.28 -17.18 1.45
C PHE A 308 14.83 -17.15 2.87
N VAL A 309 13.98 -16.69 3.80
N VAL A 309 14.02 -16.72 3.82
CA VAL A 309 14.30 -16.46 5.21
CA VAL A 309 14.46 -16.63 5.19
C VAL A 309 13.32 -17.28 6.04
C VAL A 309 13.38 -17.20 6.09
N ASP A 310 13.81 -17.94 7.09
CA ASP A 310 12.90 -18.64 7.99
C ASP A 310 12.32 -17.64 8.99
N VAL A 311 11.08 -17.23 8.76
CA VAL A 311 10.38 -16.27 9.62
C VAL A 311 9.31 -16.93 10.51
N THR A 312 9.29 -18.26 10.50
N THR A 312 9.25 -18.26 10.52
CA THR A 312 8.23 -19.01 11.18
CA THR A 312 8.14 -18.93 11.17
C THR A 312 8.04 -18.61 12.65
C THR A 312 8.01 -18.62 12.67
N GLU A 313 9.13 -18.63 13.40
CA GLU A 313 9.08 -18.35 14.84
C GLU A 313 8.84 -16.87 15.10
N VAL A 314 9.41 -16.02 14.25
CA VAL A 314 9.24 -14.59 14.36
C VAL A 314 7.78 -14.23 14.24
N VAL A 315 7.15 -14.75 13.19
CA VAL A 315 5.77 -14.47 12.92
C VAL A 315 4.87 -15.09 14.00
N ARG A 316 5.19 -16.31 14.46
CA ARG A 316 4.43 -16.92 15.54
C ARG A 316 4.42 -15.99 16.75
N ASN A 317 5.58 -15.42 17.09
CA ASN A 317 5.59 -14.49 18.23
C ASN A 317 4.80 -13.23 17.94
N MET A 318 5.06 -12.62 16.78
CA MET A 318 4.38 -11.37 16.44
C MET A 318 2.84 -11.49 16.42
N THR A 319 2.34 -12.70 16.17
CA THR A 319 0.89 -12.91 16.15
C THR A 319 0.31 -13.55 17.42
N SER A 320 1.17 -13.79 18.41
CA SER A 320 0.80 -14.39 19.70
C SER A 320 0.29 -13.34 20.66
N GLU A 321 -0.93 -13.55 21.17
CA GLU A 321 -1.49 -12.66 22.17
C GLU A 321 -0.68 -12.67 23.46
N PHE A 322 -0.16 -13.84 23.85
CA PHE A 322 0.66 -13.91 25.06
C PHE A 322 1.97 -13.13 24.92
N PHE A 323 2.63 -13.25 23.79
CA PHE A 323 3.83 -12.47 23.51
C PHE A 323 3.49 -10.97 23.58
N ALA A 324 2.38 -10.59 22.95
CA ALA A 324 1.97 -9.20 22.99
C ALA A 324 1.73 -8.71 24.42
N ALA A 325 1.13 -9.55 25.27
CA ALA A 325 0.94 -9.20 26.68
C ALA A 325 2.26 -8.99 27.42
N GLN A 326 3.28 -9.78 27.05
CA GLN A 326 4.62 -9.63 27.61
C GLN A 326 5.22 -8.28 27.23
N LEU A 327 4.96 -7.84 25.99
CA LEU A 327 5.42 -6.51 25.56
C LEU A 327 4.62 -5.39 26.22
N ARG A 328 3.29 -5.54 26.31
N ARG A 328 3.30 -5.57 26.29
CA ARG A 328 2.47 -4.49 26.93
CA ARG A 328 2.43 -4.59 26.92
C ARG A 328 2.90 -4.27 28.39
C ARG A 328 2.87 -4.30 28.37
N ALA A 329 3.29 -5.35 29.07
CA ALA A 329 3.73 -5.22 30.44
C ALA A 329 5.01 -4.38 30.61
N GLN A 330 5.77 -4.23 29.52
CA GLN A 330 6.96 -3.42 29.48
C GLN A 330 6.72 -1.97 29.06
N ILE A 331 5.47 -1.65 28.72
CA ILE A 331 5.16 -0.27 28.38
C ILE A 331 4.94 0.48 29.70
N SER A 332 5.76 1.49 29.94
CA SER A 332 5.69 2.32 31.12
C SER A 332 4.73 3.45 30.85
N ASP A 333 3.76 3.68 31.73
CA ASP A 333 2.81 4.76 31.46
C ASP A 333 3.39 6.16 31.50
N ASP A 334 4.50 6.31 32.21
N ASP A 334 4.45 6.42 32.26
CA ASP A 334 5.08 7.59 32.53
CA ASP A 334 4.98 7.78 32.38
C ASP A 334 6.22 8.05 31.59
C ASP A 334 6.27 8.08 31.59
N THR A 335 6.73 7.14 30.77
CA THR A 335 7.92 7.41 29.96
C THR A 335 8.07 6.51 28.78
N THR A 336 8.72 7.03 27.73
CA THR A 336 9.27 6.20 26.68
C THR A 336 10.70 5.77 27.10
N HIS A 337 11.34 4.98 26.25
CA HIS A 337 12.60 4.36 26.59
C HIS A 337 13.58 4.45 25.41
N PRO A 338 14.87 4.21 25.69
CA PRO A 338 15.86 4.13 24.61
C PRO A 338 15.61 2.94 23.66
N ILE A 339 16.21 3.03 22.49
CA ILE A 339 16.02 2.02 21.45
C ILE A 339 16.26 0.59 21.94
N SER A 340 17.34 0.39 22.69
CA SER A 340 17.69 -0.95 23.12
C SER A 340 16.64 -1.63 24.00
N TYR A 341 15.82 -0.81 24.66
CA TYR A 341 14.78 -1.34 25.56
C TYR A 341 13.82 -2.27 24.84
N TYR A 342 13.56 -1.97 23.56
CA TYR A 342 12.57 -2.70 22.78
C TYR A 342 13.14 -3.95 22.08
N LYS A 343 14.46 -4.12 22.21
CA LYS A 343 15.17 -5.28 21.67
C LYS A 343 15.00 -5.49 20.17
N PRO A 344 15.32 -4.44 19.37
CA PRO A 344 15.44 -4.70 17.92
C PRO A 344 16.55 -5.73 17.67
N GLU A 345 16.29 -6.64 16.77
CA GLU A 345 17.28 -7.67 16.46
C GLU A 345 17.51 -7.65 14.99
N PHE A 346 18.79 -7.67 14.61
CA PHE A 346 19.15 -7.79 13.22
C PHE A 346 19.46 -9.26 12.81
N TYR A 347 19.68 -10.13 13.80
CA TYR A 347 19.81 -11.61 13.62
C TYR A 347 19.01 -12.36 14.69
N THR A 348 18.56 -13.58 14.36
CA THR A 348 17.82 -14.41 15.34
C THR A 348 18.77 -15.01 16.40
N THR B 1 2.50 4.40 -3.90
CA THR B 1 1.60 3.34 -3.40
C THR B 1 0.18 3.88 -3.46
N ALA B 2 -0.78 2.98 -3.68
CA ALA B 2 -2.20 3.32 -3.59
C ALA B 2 -2.95 2.20 -2.92
N HIS B 3 -3.94 2.56 -2.08
CA HIS B 3 -4.83 1.60 -1.47
C HIS B 3 -6.25 1.78 -1.96
N LEU B 4 -6.91 0.67 -2.32
N LEU B 4 -6.91 0.64 -2.10
CA LEU B 4 -8.33 0.68 -2.66
CA LEU B 4 -8.22 0.51 -2.66
C LEU B 4 -9.08 -0.38 -1.85
C LEU B 4 -9.07 -0.42 -1.81
N SER B 5 -10.29 -0.02 -1.46
CA SER B 5 -11.21 -0.90 -0.71
C SER B 5 -12.52 -1.04 -1.49
N VAL B 6 -13.06 -2.26 -1.56
CA VAL B 6 -14.27 -2.56 -2.32
C VAL B 6 -15.15 -3.52 -1.53
N VAL B 7 -16.44 -3.23 -1.48
N VAL B 7 -16.45 -3.24 -1.50
CA VAL B 7 -17.46 -4.19 -1.01
CA VAL B 7 -17.43 -4.21 -1.03
C VAL B 7 -18.54 -4.29 -2.09
C VAL B 7 -18.57 -4.30 -2.05
N ALA B 8 -18.81 -5.51 -2.54
CA ALA B 8 -19.87 -5.78 -3.51
C ALA B 8 -21.20 -6.05 -2.83
N GLU B 9 -22.30 -6.02 -3.61
CA GLU B 9 -23.64 -6.16 -3.03
C GLU B 9 -23.85 -7.51 -2.31
N ASP B 10 -23.16 -8.56 -2.77
CA ASP B 10 -23.25 -9.86 -2.12
C ASP B 10 -22.45 -9.97 -0.84
N GLY B 11 -21.73 -8.90 -0.46
CA GLY B 11 -21.00 -8.88 0.82
C GLY B 11 -19.56 -9.28 0.69
N SER B 12 -19.13 -9.71 -0.50
CA SER B 12 -17.73 -10.03 -0.72
C SER B 12 -16.93 -8.74 -0.84
N ALA B 13 -15.63 -8.84 -0.57
CA ALA B 13 -14.79 -7.65 -0.43
C ALA B 13 -13.39 -7.87 -0.95
N VAL B 14 -12.77 -6.75 -1.34
CA VAL B 14 -11.37 -6.74 -1.72
C VAL B 14 -10.70 -5.55 -1.07
N SER B 15 -9.52 -5.81 -0.47
CA SER B 15 -8.63 -4.76 0.00
C SER B 15 -7.34 -4.94 -0.80
N ALA B 16 -6.98 -3.91 -1.57
CA ALA B 16 -5.86 -4.04 -2.52
C ALA B 16 -4.89 -2.90 -2.37
N THR B 17 -3.60 -3.20 -2.17
CA THR B 17 -2.59 -2.18 -2.10
C THR B 17 -1.55 -2.47 -3.18
N SER B 18 -1.24 -1.45 -3.97
CA SER B 18 -0.42 -1.59 -5.17
C SER B 18 0.66 -0.50 -5.14
N THR B 19 1.83 -0.76 -5.72
CA THR B 19 2.87 0.25 -5.70
C THR B 19 3.93 0.06 -6.79
N ILE B 20 4.48 1.20 -7.22
CA ILE B 20 5.74 1.26 -7.97
C ILE B 20 6.89 1.77 -7.12
N ASN B 21 6.62 1.91 -5.82
CA ASN B 21 7.57 2.35 -4.77
C ASN B 21 7.66 3.86 -4.70
N LEU B 22 8.79 4.46 -5.08
CA LEU B 22 8.90 5.91 -4.93
C LEU B 22 8.01 6.62 -5.95
N TYR B 23 7.85 7.93 -5.79
CA TYR B 23 7.06 8.69 -6.75
C TYR B 23 7.69 8.48 -8.15
N PHE B 24 6.83 8.04 -9.09
CA PHE B 24 7.28 7.76 -10.46
C PHE B 24 8.30 6.62 -10.56
N GLY B 25 8.36 5.80 -9.51
CA GLY B 25 9.17 4.62 -9.55
C GLY B 25 10.65 4.90 -9.80
N SER B 26 11.21 4.08 -10.69
CA SER B 26 12.59 4.19 -11.14
C SER B 26 12.90 5.44 -11.97
N LYS B 27 11.85 6.18 -12.34
CA LYS B 27 11.93 7.32 -13.27
C LYS B 27 12.20 6.86 -14.70
N VAL B 28 12.03 5.56 -14.97
CA VAL B 28 12.17 5.01 -16.32
C VAL B 28 10.75 4.78 -16.87
N ARG B 29 10.43 5.59 -17.88
CA ARG B 29 9.20 5.43 -18.64
C ARG B 29 9.56 4.89 -20.02
N SER B 30 8.83 3.90 -20.49
CA SER B 30 9.01 3.49 -21.89
C SER B 30 8.43 4.53 -22.85
N PRO B 31 9.24 5.00 -23.81
CA PRO B 31 8.69 5.89 -24.81
C PRO B 31 7.68 5.24 -25.79
N VAL B 32 7.74 3.92 -25.88
CA VAL B 32 6.90 3.16 -26.77
C VAL B 32 5.60 2.75 -26.06
N SER B 33 5.72 2.11 -24.90
CA SER B 33 4.54 1.55 -24.23
C SER B 33 3.88 2.50 -23.23
N GLY B 34 4.63 3.50 -22.80
CA GLY B 34 4.19 4.39 -21.71
C GLY B 34 4.33 3.82 -20.32
N ILE B 35 4.78 2.57 -20.20
CA ILE B 35 4.89 1.96 -18.89
C ILE B 35 5.92 2.70 -18.03
N LEU B 36 5.54 2.95 -16.78
N LEU B 36 5.51 2.99 -16.80
CA LEU B 36 6.42 3.55 -15.81
CA LEU B 36 6.39 3.58 -15.77
C LEU B 36 6.88 2.44 -14.86
C LEU B 36 6.87 2.46 -14.84
N PHE B 37 8.17 2.16 -14.88
CA PHE B 37 8.69 1.01 -14.16
C PHE B 37 8.99 1.30 -12.69
N ASN B 38 8.59 0.35 -11.84
CA ASN B 38 8.87 0.42 -10.40
C ASN B 38 10.36 0.58 -10.07
N ASN B 39 10.62 1.07 -8.86
CA ASN B 39 11.97 0.91 -8.26
C ASN B 39 11.84 0.11 -6.97
N GLU B 40 11.16 -1.03 -7.05
CA GLU B 40 10.95 -1.89 -5.86
C GLU B 40 12.26 -2.48 -5.34
N MET B 41 13.32 -2.52 -6.15
CA MET B 41 14.60 -3.02 -5.63
C MET B 41 15.12 -2.19 -4.48
N ASP B 42 14.71 -0.93 -4.42
CA ASP B 42 15.09 -0.04 -3.33
C ASP B 42 14.52 -0.46 -2.00
N ASP B 43 13.49 -1.33 -1.98
CA ASP B 43 12.94 -1.79 -0.72
C ASP B 43 13.78 -2.89 -0.07
N PHE B 44 14.75 -3.46 -0.79
CA PHE B 44 15.71 -4.36 -0.15
C PHE B 44 16.75 -3.56 0.64
N SER B 45 17.32 -4.24 1.63
N SER B 45 17.34 -4.18 1.64
CA SER B 45 18.51 -3.78 2.29
CA SER B 45 18.51 -3.59 2.24
C SER B 45 19.73 -4.05 1.38
C SER B 45 19.76 -4.08 1.49
N SER B 46 20.81 -3.28 1.55
CA SER B 46 22.08 -3.55 0.87
C SER B 46 23.17 -3.40 1.89
N PRO B 47 24.10 -4.37 1.94
CA PRO B 47 25.17 -4.26 2.94
C PRO B 47 26.00 -2.98 2.81
N SER B 48 26.15 -2.42 1.62
CA SER B 48 27.01 -1.24 1.40
C SER B 48 26.33 0.11 1.58
N ILE B 49 25.04 0.11 1.86
CA ILE B 49 24.28 1.34 1.89
C ILE B 49 23.71 1.52 3.29
N THR B 50 24.13 2.59 3.95
CA THR B 50 23.46 3.03 5.17
C THR B 50 22.36 4.03 4.83
N ASN B 51 21.15 3.70 5.27
CA ASN B 51 19.98 4.51 5.02
C ASN B 51 19.68 5.53 6.11
N GLU B 52 20.03 5.16 7.35
CA GLU B 52 19.70 5.96 8.52
C GLU B 52 20.89 5.87 9.47
N PHE B 53 21.29 7.01 10.05
CA PHE B 53 22.38 7.07 11.00
C PHE B 53 22.20 6.02 12.08
N GLY B 54 23.22 5.18 12.25
CA GLY B 54 23.25 4.22 13.33
C GLY B 54 22.47 2.96 13.11
N VAL B 55 21.85 2.83 11.95
CA VAL B 55 20.98 1.69 11.68
C VAL B 55 21.67 0.70 10.75
N PRO B 56 21.92 -0.52 11.23
CA PRO B 56 22.53 -1.47 10.30
C PRO B 56 21.56 -1.92 9.21
N PRO B 57 22.10 -2.25 8.04
CA PRO B 57 21.28 -2.92 7.02
C PRO B 57 20.75 -4.23 7.61
N SER B 58 19.54 -4.61 7.23
N SER B 58 19.55 -4.64 7.19
CA SER B 58 18.92 -5.82 7.73
CA SER B 58 18.92 -5.85 7.73
C SER B 58 19.27 -7.01 6.82
C SER B 58 19.14 -7.10 6.88
N PRO B 59 19.99 -8.03 7.34
CA PRO B 59 20.30 -9.19 6.49
C PRO B 59 19.10 -10.04 6.03
N ALA B 60 18.02 -10.07 6.81
CA ALA B 60 16.84 -10.83 6.38
C ALA B 60 16.27 -10.28 5.09
N ASN B 61 16.56 -9.03 4.79
CA ASN B 61 15.98 -8.34 3.64
C ASN B 61 17.01 -7.98 2.57
N PHE B 62 18.12 -8.74 2.51
CA PHE B 62 19.08 -8.58 1.44
C PHE B 62 18.49 -9.11 0.12
N ILE B 63 19.03 -8.61 -0.99
CA ILE B 63 18.65 -9.05 -2.34
C ILE B 63 19.17 -10.45 -2.59
N GLN B 64 18.29 -11.30 -3.12
CA GLN B 64 18.69 -12.53 -3.76
C GLN B 64 17.85 -12.65 -5.03
N PRO B 65 18.37 -13.30 -6.06
CA PRO B 65 17.57 -13.53 -7.27
C PRO B 65 16.29 -14.30 -6.92
N GLY B 66 15.17 -13.81 -7.41
CA GLY B 66 13.90 -14.45 -7.17
C GLY B 66 13.23 -14.10 -5.85
N LYS B 67 13.86 -13.26 -5.05
CA LYS B 67 13.31 -12.87 -3.74
C LYS B 67 12.43 -11.60 -3.88
N GLN B 68 11.45 -11.48 -2.99
CA GLN B 68 10.61 -10.28 -2.91
C GLN B 68 11.07 -9.43 -1.71
N PRO B 69 11.14 -8.13 -1.90
CA PRO B 69 11.57 -7.28 -0.79
C PRO B 69 10.47 -7.09 0.24
N LEU B 70 10.87 -6.91 1.48
CA LEU B 70 9.93 -6.64 2.56
C LEU B 70 9.12 -5.38 2.21
N SER B 71 7.84 -5.39 2.62
CA SER B 71 6.91 -4.31 2.37
C SER B 71 6.19 -3.91 3.66
N SER B 72 5.85 -2.63 3.74
CA SER B 72 4.98 -2.11 4.81
C SER B 72 3.49 -2.25 4.51
N MET B 73 3.16 -2.65 3.30
CA MET B 73 1.78 -2.78 2.88
C MET B 73 1.04 -3.78 3.78
N CYS B 74 -0.26 -3.55 3.99
N CYS B 74 -0.25 -3.51 3.96
CA CYS B 74 -1.04 -4.47 4.83
CA CYS B 74 -1.10 -4.32 4.83
C CYS B 74 -2.56 -4.38 4.55
C CYS B 74 -2.58 -4.19 4.49
N PRO B 75 -2.96 -4.64 3.29
CA PRO B 75 -4.40 -4.58 2.96
C PRO B 75 -5.18 -5.58 3.83
N THR B 76 -6.19 -5.08 4.56
CA THR B 76 -6.85 -5.84 5.62
C THR B 76 -8.36 -5.90 5.39
N ILE B 77 -8.95 -7.04 5.76
CA ILE B 77 -10.40 -7.14 5.82
C ILE B 77 -10.77 -7.70 7.19
N MET B 78 -11.63 -6.98 7.90
CA MET B 78 -12.17 -7.40 9.20
C MET B 78 -13.58 -7.97 8.97
N VAL B 79 -13.82 -9.19 9.47
CA VAL B 79 -15.07 -9.90 9.29
C VAL B 79 -15.63 -10.22 10.66
N GLY B 80 -16.94 -10.01 10.81
CA GLY B 80 -17.59 -10.34 12.06
C GLY B 80 -17.84 -11.83 12.22
N GLN B 81 -18.20 -12.20 13.44
CA GLN B 81 -18.50 -13.62 13.73
C GLN B 81 -19.63 -14.20 12.89
N ASP B 82 -20.56 -13.32 12.47
CA ASP B 82 -21.66 -13.74 11.62
C ASP B 82 -21.31 -13.89 10.14
N GLY B 83 -20.04 -13.69 9.77
CA GLY B 83 -19.59 -13.82 8.41
C GLY B 83 -19.69 -12.59 7.54
N GLN B 84 -20.23 -11.51 8.08
CA GLN B 84 -20.35 -10.28 7.32
C GLN B 84 -19.13 -9.38 7.52
N VAL B 85 -18.68 -8.77 6.45
CA VAL B 85 -17.59 -7.82 6.51
C VAL B 85 -17.95 -6.68 7.44
N ARG B 86 -16.99 -6.32 8.30
CA ARG B 86 -17.07 -5.14 9.17
C ARG B 86 -16.26 -3.96 8.68
N MET B 87 -15.07 -4.21 8.15
CA MET B 87 -14.21 -3.13 7.72
C MET B 87 -13.26 -3.62 6.64
N VAL B 88 -13.03 -2.77 5.65
CA VAL B 88 -12.05 -3.00 4.61
C VAL B 88 -11.11 -1.79 4.63
N VAL B 89 -9.81 -2.02 4.86
CA VAL B 89 -8.93 -0.89 5.13
C VAL B 89 -7.51 -1.21 4.68
N GLY B 90 -6.76 -0.15 4.43
CA GLY B 90 -5.35 -0.23 4.09
C GLY B 90 -4.86 1.15 3.84
N ALA B 91 -3.58 1.27 3.49
CA ALA B 91 -2.98 2.58 3.33
C ALA B 91 -1.81 2.57 2.38
N ALA B 92 -1.49 3.77 1.94
CA ALA B 92 -0.28 4.11 1.21
C ALA B 92 0.61 5.00 2.10
N GLY B 93 1.90 5.05 1.77
CA GLY B 93 2.83 5.93 2.52
C GLY B 93 4.08 5.32 3.12
N GLY B 94 4.67 4.38 2.40
CA GLY B 94 5.95 3.84 2.85
C GLY B 94 5.83 3.19 4.20
N THR B 95 6.82 3.42 5.07
CA THR B 95 6.78 2.79 6.39
C THR B 95 5.66 3.32 7.28
N GLN B 96 4.98 4.40 6.89
CA GLN B 96 3.84 4.86 7.64
C GLN B 96 2.54 4.08 7.35
N ILE B 97 2.59 3.15 6.39
CA ILE B 97 1.39 2.42 6.05
C ILE B 97 0.84 1.65 7.25
N THR B 98 1.74 0.93 7.92
CA THR B 98 1.32 -0.03 8.91
C THR B 98 0.73 0.67 10.16
N THR B 99 1.40 1.72 10.57
CA THR B 99 0.90 2.51 11.68
C THR B 99 -0.41 3.22 11.32
N ALA B 100 -0.52 3.76 10.11
CA ALA B 100 -1.75 4.44 9.73
C ALA B 100 -2.94 3.47 9.62
N THR B 101 -2.69 2.26 9.12
CA THR B 101 -3.73 1.25 9.06
C THR B 101 -4.17 0.90 10.50
N ALA B 102 -3.20 0.71 11.41
CA ALA B 102 -3.51 0.46 12.79
C ALA B 102 -4.39 1.56 13.37
N LEU B 103 -4.00 2.81 13.13
CA LEU B 103 -4.75 3.92 13.65
C LEU B 103 -6.18 3.96 13.11
N ALA B 104 -6.34 3.75 11.81
CA ALA B 104 -7.71 3.75 11.27
C ALA B 104 -8.59 2.69 11.96
N ILE B 105 -8.01 1.53 12.20
CA ILE B 105 -8.70 0.45 12.90
C ILE B 105 -9.02 0.85 14.35
N ILE B 106 -8.00 1.32 15.06
CA ILE B 106 -8.19 1.77 16.46
C ILE B 106 -9.30 2.82 16.54
N TYR B 107 -9.22 3.78 15.63
CA TYR B 107 -10.13 4.90 15.65
C TYR B 107 -11.58 4.47 15.47
N ASN B 108 -11.83 3.57 14.52
CA ASN B 108 -13.18 3.09 14.29
C ASN B 108 -13.63 2.04 15.33
N LEU B 109 -12.80 1.02 15.51
CA LEU B 109 -13.18 -0.11 16.32
C LEU B 109 -13.30 0.21 17.79
N TRP B 110 -12.33 0.96 18.31
CA TRP B 110 -12.24 1.23 19.74
C TRP B 110 -12.68 2.64 20.12
N PHE B 111 -12.28 3.67 19.38
CA PHE B 111 -12.67 5.02 19.78
C PHE B 111 -14.10 5.35 19.35
N GLY B 112 -14.63 4.58 18.40
CA GLY B 112 -15.97 4.73 17.92
C GLY B 112 -16.16 5.85 16.91
N TYR B 113 -15.07 6.28 16.26
CA TYR B 113 -15.17 7.28 15.20
C TYR B 113 -15.75 6.68 13.95
N ASP B 114 -16.67 7.41 13.32
CA ASP B 114 -17.18 6.94 12.04
C ASP B 114 -16.09 6.85 10.97
N VAL B 115 -16.36 6.14 9.88
CA VAL B 115 -15.28 5.85 8.93
C VAL B 115 -14.63 7.10 8.36
N LYS B 116 -15.40 8.17 8.08
CA LYS B 116 -14.76 9.36 7.56
C LYS B 116 -13.84 9.98 8.60
N ARG B 117 -14.30 10.06 9.85
CA ARG B 117 -13.44 10.55 10.89
C ARG B 117 -12.23 9.64 11.11
N ALA B 118 -12.42 8.34 11.04
CA ALA B 118 -11.29 7.43 11.19
C ALA B 118 -10.22 7.68 10.12
N VAL B 119 -10.62 8.05 8.91
CA VAL B 119 -9.69 8.39 7.85
C VAL B 119 -9.09 9.77 8.00
N GLU B 120 -9.91 10.75 8.41
CA GLU B 120 -9.47 12.14 8.46
C GLU B 120 -8.73 12.52 9.74
N GLU B 121 -8.96 11.76 10.81
CA GLU B 121 -8.41 12.09 12.13
C GLU B 121 -6.87 12.21 12.03
N PRO B 122 -6.26 13.20 12.72
CA PRO B 122 -4.81 13.29 12.64
C PRO B 122 -4.10 12.02 13.12
N ARG B 123 -2.98 11.74 12.47
CA ARG B 123 -2.18 10.57 12.76
C ARG B 123 -0.82 10.96 13.32
N LEU B 124 -0.14 9.93 13.82
CA LEU B 124 1.22 10.04 14.31
C LEU B 124 1.94 8.74 13.98
N HIS B 125 3.28 8.76 14.03
CA HIS B 125 4.07 7.64 13.57
C HIS B 125 5.35 7.55 14.39
N ASN B 126 5.74 6.32 14.73
CA ASN B 126 7.07 6.07 15.26
C ASN B 126 7.44 4.68 14.79
N GLN B 127 8.65 4.54 14.26
CA GLN B 127 9.14 3.26 13.76
C GLN B 127 10.41 2.81 14.45
N LEU B 128 10.64 3.35 15.64
CA LEU B 128 11.75 3.00 16.55
C LEU B 128 13.10 3.55 16.10
N LEU B 129 13.48 3.21 14.86
CA LEU B 129 14.63 3.77 14.15
C LEU B 129 14.12 4.35 12.79
N PRO B 130 14.20 5.66 12.61
CA PRO B 130 14.80 6.62 13.58
C PRO B 130 13.96 6.82 14.84
N ASN B 131 14.54 7.51 15.85
CA ASN B 131 14.00 7.61 17.26
C ASN B 131 13.19 8.89 17.53
N VAL B 132 12.25 9.10 16.67
CA VAL B 132 11.41 10.28 16.78
C VAL B 132 9.98 9.92 16.49
N THR B 133 9.06 10.63 17.14
CA THR B 133 7.63 10.55 16.84
C THR B 133 7.24 11.69 15.91
N THR B 134 6.70 11.34 14.76
CA THR B 134 6.17 12.34 13.82
C THR B 134 4.66 12.50 14.04
N VAL B 135 4.20 13.74 14.13
CA VAL B 135 2.82 14.04 14.31
C VAL B 135 2.34 14.92 13.18
N GLU B 136 1.08 14.75 12.79
CA GLU B 136 0.50 15.64 11.79
C GLU B 136 0.26 17.04 12.32
N ARG B 137 0.17 17.97 11.39
CA ARG B 137 0.10 19.40 11.71
C ARG B 137 -1.11 19.76 12.51
N ASN B 138 -2.19 19.01 12.39
CA ASN B 138 -3.43 19.38 13.11
C ASN B 138 -3.79 18.44 14.28
N ILE B 139 -2.81 17.68 14.76
CA ILE B 139 -3.06 16.82 15.90
C ILE B 139 -3.47 17.66 17.11
N ASP B 140 -4.29 17.08 17.98
CA ASP B 140 -4.61 17.70 19.28
C ASP B 140 -3.31 17.97 20.02
N GLN B 141 -3.03 19.23 20.29
CA GLN B 141 -1.77 19.57 20.90
C GLN B 141 -1.66 19.11 22.36
N ALA B 142 -2.79 18.69 22.98
CA ALA B 142 -2.69 18.01 24.28
C ALA B 142 -1.99 16.67 24.10
N VAL B 143 -2.15 16.05 22.92
CA VAL B 143 -1.42 14.78 22.66
C VAL B 143 0.08 15.07 22.52
N THR B 144 0.45 16.10 21.77
CA THR B 144 1.85 16.47 21.68
C THR B 144 2.45 16.71 23.07
N ALA B 145 1.74 17.45 23.91
CA ALA B 145 2.23 17.73 25.26
C ALA B 145 2.39 16.46 26.09
N ALA B 146 1.41 15.56 26.01
CA ALA B 146 1.44 14.29 26.73
C ALA B 146 2.62 13.41 26.29
N LEU B 147 2.98 13.47 25.02
CA LEU B 147 4.12 12.73 24.53
C LEU B 147 5.41 13.36 25.00
N GLU B 148 5.50 14.69 24.91
CA GLU B 148 6.74 15.37 25.27
C GLU B 148 7.03 15.29 26.76
N THR B 149 5.99 15.35 27.60
CA THR B 149 6.24 15.23 29.04
C THR B 149 6.62 13.78 29.44
N ARG B 150 6.35 12.81 28.56
CA ARG B 150 6.81 11.45 28.73
C ARG B 150 8.10 11.15 27.98
N HIS B 151 8.79 12.21 27.56
CA HIS B 151 10.13 12.17 27.02
C HIS B 151 10.25 11.72 25.58
N HIS B 152 9.12 11.71 24.88
CA HIS B 152 9.20 11.53 23.44
C HIS B 152 9.65 12.84 22.79
N HIS B 153 10.56 12.81 21.83
N HIS B 153 10.49 12.69 21.78
CA HIS B 153 10.74 14.02 21.02
CA HIS B 153 10.81 13.72 20.84
C HIS B 153 9.91 13.89 19.74
C HIS B 153 9.69 13.75 19.81
N THR B 154 9.12 14.92 19.53
CA THR B 154 8.17 15.00 18.42
C THR B 154 8.67 15.95 17.35
N GLN B 155 8.21 15.68 16.14
CA GLN B 155 8.42 16.55 14.99
C GLN B 155 7.15 16.57 14.19
N ILE B 156 6.89 17.70 13.54
CA ILE B 156 5.67 17.83 12.75
C ILE B 156 5.93 17.39 11.32
N ALA B 157 5.03 16.58 10.77
CA ALA B 157 5.16 16.12 9.39
C ALA B 157 5.17 17.28 8.41
N SER B 158 6.10 17.28 7.46
CA SER B 158 6.13 18.37 6.47
C SER B 158 4.89 18.41 5.61
N THR B 159 4.33 17.24 5.29
CA THR B 159 3.12 17.17 4.50
C THR B 159 2.04 16.54 5.36
N PHE B 160 1.97 15.21 5.30
CA PHE B 160 0.97 14.43 6.01
C PHE B 160 1.54 13.02 6.19
N ILE B 161 0.83 12.23 6.99
CA ILE B 161 1.24 10.87 7.33
C ILE B 161 0.22 9.89 6.72
N ALA B 162 0.64 9.23 5.64
CA ALA B 162 -0.08 8.16 4.96
C ALA B 162 -1.37 8.62 4.26
N VAL B 163 -1.97 7.67 3.56
CA VAL B 163 -3.23 7.86 2.85
C VAL B 163 -4.05 6.58 3.07
N VAL B 164 -5.25 6.74 3.66
CA VAL B 164 -6.10 5.61 4.01
C VAL B 164 -7.42 5.65 3.22
N GLN B 165 -7.80 4.50 2.64
CA GLN B 165 -9.12 4.29 2.06
C GLN B 165 -9.81 3.18 2.84
N ALA B 166 -11.07 3.41 3.23
CA ALA B 166 -11.76 2.48 4.10
C ALA B 166 -13.24 2.39 3.83
N ILE B 167 -13.79 1.21 4.13
CA ILE B 167 -15.24 0.97 4.12
C ILE B 167 -15.58 0.26 5.45
N VAL B 168 -16.68 0.68 6.08
CA VAL B 168 -17.16 0.08 7.33
C VAL B 168 -18.63 -0.19 7.18
N ARG B 169 -19.07 -1.37 7.65
N ARG B 169 -19.07 -1.37 7.64
CA ARG B 169 -20.50 -1.66 7.66
CA ARG B 169 -20.49 -1.69 7.68
C ARG B 169 -21.17 -0.90 8.78
C ARG B 169 -21.18 -0.89 8.79
N THR B 170 -22.32 -0.30 8.48
CA THR B 170 -23.12 0.40 9.48
C THR B 170 -24.56 -0.06 9.36
N ALA B 171 -25.40 0.43 10.26
CA ALA B 171 -26.83 0.09 10.17
C ALA B 171 -27.42 0.57 8.84
N GLY B 172 -26.84 1.65 8.35
CA GLY B 172 -27.25 2.29 7.10
C GLY B 172 -26.74 1.68 5.80
N GLY B 173 -25.84 0.70 5.92
CA GLY B 173 -25.24 0.07 4.75
C GLY B 173 -23.75 0.04 4.82
N TRP B 174 -23.09 0.43 3.74
CA TRP B 174 -21.64 0.44 3.66
C TRP B 174 -21.19 1.88 3.62
N ALA B 175 -20.53 2.32 4.68
CA ALA B 175 -20.00 3.66 4.77
C ALA B 175 -18.57 3.67 4.24
N ALA B 176 -18.27 4.59 3.33
CA ALA B 176 -16.99 4.62 2.67
C ALA B 176 -16.31 5.97 2.86
N ALA B 177 -14.98 5.95 2.88
CA ALA B 177 -14.20 7.18 2.95
C ALA B 177 -12.90 7.03 2.21
N SER B 178 -12.57 8.08 1.48
CA SER B 178 -11.27 8.24 0.85
C SER B 178 -10.58 9.45 1.48
N ASP B 179 -9.26 9.40 1.50
CA ASP B 179 -8.47 10.34 2.29
C ASP B 179 -8.30 11.69 1.58
N SER B 180 -8.73 12.77 2.25
CA SER B 180 -8.57 14.09 1.69
C SER B 180 -7.11 14.49 1.49
N ARG B 181 -6.19 13.80 2.19
CA ARG B 181 -4.78 14.10 2.02
C ARG B 181 -4.34 13.95 0.57
N LYS B 182 -4.93 12.99 -0.12
CA LYS B 182 -4.60 12.74 -1.55
C LYS B 182 -5.70 13.19 -2.51
N GLY B 183 -6.92 13.35 -2.01
CA GLY B 183 -8.02 13.91 -2.80
C GLY B 183 -9.06 12.98 -3.35
N GLY B 184 -9.02 11.70 -2.99
CA GLY B 184 -10.01 10.78 -3.48
C GLY B 184 -11.40 11.00 -2.90
N GLU B 185 -12.37 10.40 -3.55
CA GLU B 185 -13.71 10.25 -3.01
C GLU B 185 -14.23 8.89 -3.43
N PRO B 186 -15.06 8.28 -2.59
CA PRO B 186 -15.64 6.99 -2.91
C PRO B 186 -16.82 7.14 -3.90
N ALA B 187 -17.35 5.99 -4.28
CA ALA B 187 -18.58 5.90 -5.07
C ALA B 187 -19.29 4.60 -4.71
N GLY B 188 -20.57 4.55 -4.97
CA GLY B 188 -21.34 3.38 -4.62
C GLY B 188 -22.76 3.47 -5.10
N TYR B 189 -23.57 2.57 -4.60
CA TYR B 189 -25.00 2.56 -4.87
C TYR B 189 -25.78 1.77 -3.85
C1 NAG C . -17.79 -17.25 -3.71
C2 NAG C . -17.49 -17.17 -5.20
C3 NAG C . -18.48 -17.96 -6.09
C4 NAG C . -18.82 -19.36 -5.55
C5 NAG C . -19.10 -19.26 -4.05
C6 NAG C . -19.37 -20.62 -3.42
C7 NAG C . -16.34 -15.27 -6.27
C8 NAG C . -16.39 -13.84 -6.73
N2 NAG C . -17.41 -15.79 -5.65
O3 NAG C . -17.94 -18.12 -7.39
O4 NAG C . -19.94 -19.94 -6.23
O5 NAG C . -17.99 -18.62 -3.40
O6 NAG C . -18.28 -21.51 -3.63
O7 NAG C . -15.32 -15.94 -6.48
C1 NAG D . 28.92 -2.32 -6.30
C2 NAG D . 28.61 -2.37 -7.79
C3 NAG D . 28.61 -3.85 -8.23
C4 NAG D . 29.88 -4.59 -7.75
C5 NAG D . 30.18 -4.27 -6.26
C6 NAG D . 31.54 -4.75 -5.78
C7 NAG D . 27.26 -0.66 -8.95
C8 NAG D . 25.88 -0.29 -9.38
N2 NAG D . 27.35 -1.79 -8.22
O3 NAG D . 28.52 -3.99 -9.64
O4 NAG D . 29.75 -6.00 -7.94
O5 NAG D . 30.19 -2.86 -6.08
O6 NAG D . 32.54 -4.11 -6.55
O7 NAG D . 28.22 0.06 -9.27
C1 NAG E . 9.41 -15.75 20.86
C2 NAG E . 10.91 -15.61 20.67
C3 NAG E . 11.62 -16.28 21.82
C4 NAG E . 11.11 -15.76 23.17
C5 NAG E . 9.59 -15.84 23.28
C6 NAG E . 9.03 -15.09 24.51
C7 NAG E . 11.88 -15.59 18.44
C8 NAG E . 12.20 -16.39 17.19
N2 NAG E . 11.27 -16.25 19.42
O3 NAG E . 13.00 -16.03 21.71
O4 NAG E . 11.70 -16.54 24.17
O5 NAG E . 9.01 -15.26 22.15
O6 NAG E . 7.65 -15.38 24.69
O7 NAG E . 12.18 -14.40 18.52
C1 NAG F . -6.53 -18.14 11.36
C2 NAG F . -7.71 -19.01 10.90
C3 NAG F . -7.57 -20.45 11.41
C4 NAG F . -6.22 -21.09 11.10
C5 NAG F . -5.09 -20.11 10.77
C6 NAG F . -4.70 -20.19 9.29
C7 NAG F . -9.95 -18.01 10.51
C8 NAG F . -11.22 -17.47 11.10
N2 NAG F . -9.01 -18.45 11.35
O3 NAG F . -8.55 -21.25 10.81
O4 NAG F . -5.86 -21.93 12.18
O5 NAG F . -5.26 -18.72 11.09
O6 NAG F . -3.40 -20.71 9.21
O7 NAG F . -9.84 -18.02 9.29
C1 NAG G . 7.46 -17.06 -24.73
C2 NAG G . 8.66 -16.35 -25.35
C3 NAG G . 9.51 -17.31 -26.17
C4 NAG G . 9.93 -18.51 -25.33
C5 NAG G . 8.78 -19.12 -24.54
C6 NAG G . 9.29 -20.07 -23.45
C7 NAG G . 8.35 -13.93 -25.60
C8 NAG G . 7.84 -12.78 -26.48
N2 NAG G . 8.23 -15.17 -26.10
O3 NAG G . 10.62 -16.62 -26.68
O4 NAG G . 10.51 -19.48 -26.19
O5 NAG G . 7.96 -18.13 -23.91
O6 NAG G . 8.30 -20.27 -22.46
O7 NAG G . 8.85 -13.73 -24.45
CL CL H . 1.48 7.44 -22.03
NA NA I . -16.77 10.06 3.09
N1 EPE J . 4.21 17.48 -24.24
C2 EPE J . 2.78 17.66 -23.99
C3 EPE J . 1.95 16.45 -24.25
N4 EPE J . 2.63 15.44 -25.10
C5 EPE J . 3.52 16.10 -26.09
C6 EPE J . 4.67 16.75 -25.43
C7 EPE J . 1.66 14.62 -25.84
C8 EPE J . 0.62 13.99 -24.91
O8 EPE J . 1.37 13.09 -24.04
C9 EPE J . 4.94 18.75 -23.99
C10 EPE J . 6.31 18.29 -23.49
S EPE J . 7.31 19.77 -23.08
O1S EPE J . 6.29 20.52 -22.25
O2S EPE J . 7.43 20.12 -24.57
O3S EPE J . 8.32 18.86 -22.45
C1 NAG K . 15.63 7.89 21.95
C2 NAG K . 16.97 8.20 22.63
C3 NAG K . 16.99 7.86 24.13
C4 NAG K . 15.80 8.51 24.84
C5 NAG K . 14.53 8.32 24.03
C6 NAG K . 13.38 9.12 24.65
C7 NAG K . 18.32 6.30 21.89
C8 NAG K . 19.64 5.88 21.31
N2 NAG K . 18.15 7.60 22.02
O3 NAG K . 18.20 8.29 24.74
O4 NAG K . 15.66 8.01 26.18
O5 NAG K . 14.69 8.66 22.65
O6 NAG K . 13.77 10.43 25.04
O7 NAG K . 17.47 5.49 22.24
CL CL L . -3.82 5.82 -1.97
BAI XUJ M . 4.37 3.58 -1.41
OAK XUJ M . 3.85 4.29 -0.23
OAL XUJ M . 4.71 4.63 -2.37
CAH XUJ M . 5.70 2.72 -1.10
CAG XUJ M . 5.43 1.36 -0.39
CAD XUJ M . 6.71 0.47 -0.22
NAF XUJ M . 7.74 1.10 0.61
CAB XUJ M . 6.34 -0.88 0.38
OAC XUJ M . 5.99 -1.83 -0.36
OAA XUJ M . 6.30 -0.90 1.63
BAI XU7 N . 4.37 3.58 -1.41
OAK XU7 N . 3.85 4.29 -0.23
OAL XU7 N . 4.71 4.63 -2.37
CAH XU7 N . 5.70 2.72 -1.10
CAG XU7 N . 5.43 1.36 -0.39
CAD XU7 N . 6.71 0.47 -0.22
CAB XU7 N . 6.34 -0.88 0.38
OAC XU7 N . 5.99 -1.83 -0.36
OAA XU7 N . 6.30 -0.90 1.63
NAE XU7 N . 7.35 0.22 -1.52
N1 EPE O . 7.05 10.86 0.35
C2 EPE O . 5.98 9.83 0.27
C3 EPE O . 4.73 10.27 1.06
N4 EPE O . 5.12 10.62 2.41
C5 EPE O . 6.11 11.70 2.48
C6 EPE O . 7.38 11.25 1.73
C7 EPE O . 3.96 11.19 3.15
C8 EPE O . 2.78 10.29 3.28
O8 EPE O . 3.18 9.03 3.94
C9 EPE O . 8.34 10.59 -0.40
C10 EPE O . 8.08 10.57 -1.90
S EPE O . 9.47 9.76 -2.69
O1S EPE O . 9.43 9.71 -4.10
O2S EPE O . 9.60 8.40 -2.03
O3S EPE O . 10.70 10.62 -2.33
N1 EPE P . 15.60 0.21 3.07
C2 EPE P . 16.42 0.49 1.87
C3 EPE P . 15.96 1.87 1.32
N4 EPE P . 14.53 1.76 0.97
C5 EPE P . 13.67 1.30 2.07
C6 EPE P . 14.23 0.01 2.65
C7 EPE P . 14.06 3.10 0.52
C8 EPE P . 12.64 3.07 -0.15
O8 EPE P . 12.50 2.01 -1.09
C9 EPE P . 16.14 -0.97 3.85
C10 EPE P . 15.51 -0.97 5.24
S EPE P . 16.16 -2.46 6.05
O1S EPE P . 15.51 -3.58 5.16
O2S EPE P . 15.50 -2.58 7.44
O3S EPE P . 17.70 -2.33 6.12
#